data_1N46
#
_entry.id   1N46
#
_cell.length_a   42.918
_cell.length_b   105.315
_cell.length_c   55.988
_cell.angle_alpha   90.00
_cell.angle_beta   98.19
_cell.angle_gamma   90.00
#
_symmetry.space_group_name_H-M   'P 1 21 1'
#
loop_
_entity.id
_entity.type
_entity.pdbx_description
1 polymer 'Thyroid hormone receptor Beta-1'
2 non-polymer [4-(4-HYDROXY-3-ISOPROPYL-PHENOXY)-3,5-DIMETHYL-PHENYL]-6-AZAURACIL
3 water water
#
_entity_poly.entity_id   1
_entity_poly.type   'polypeptide(L)'
_entity_poly.pdbx_seq_one_letter_code
;LQKSIGHKPEPTDEEWELIKTVTEAHVATNAQGSHWKQKRKFLPEDIGQAPIVNAPEGGKVDLEAFSHFTKIITPAITRV
VDFAKKLPMFCELPCEDQIILLKGCCMEIMSLRAAVRYDPESETLTLNGEMAVTRGQLKNGGLGVVSDAIFDLGMSLSSF
NLDDTEVALLQAVLLMSSDRPGLACVERIEKYQDSFLLAFEHYINYRKHHVTHFWPKLLMKVTDLRMIGACHASRFLHMK
VECPTELFPPLFLEVFED
;
_entity_poly.pdbx_strand_id   A,B
#
loop_
_chem_comp.id
_chem_comp.type
_chem_comp.name
_chem_comp.formula
PFA non-polymer [4-(4-HYDROXY-3-ISOPROPYL-PHENOXY)-3,5-DIMETHYL-PHENYL]-6-AZAURACIL 'C20 H21 N3 O4'
#
# COMPACT_ATOMS: atom_id res chain seq x y z
N LYS A 8 -4.45 -4.79 -26.54
CA LYS A 8 -3.78 -4.55 -25.21
C LYS A 8 -2.30 -4.78 -25.50
N PRO A 9 -1.42 -3.78 -25.35
CA PRO A 9 -0.08 -3.95 -25.93
C PRO A 9 0.82 -4.99 -25.29
N GLU A 10 1.54 -5.65 -26.18
CA GLU A 10 2.52 -6.63 -25.79
C GLU A 10 3.92 -5.95 -25.73
N PRO A 11 4.89 -6.62 -25.15
CA PRO A 11 6.20 -5.95 -24.96
C PRO A 11 6.85 -5.44 -26.28
N THR A 12 7.37 -4.21 -26.24
CA THR A 12 8.16 -3.67 -27.32
C THR A 12 9.46 -4.46 -27.27
N ASP A 13 10.30 -4.33 -28.30
CA ASP A 13 11.64 -4.87 -28.31
C ASP A 13 12.51 -4.48 -27.11
N GLU A 14 12.49 -3.20 -26.72
CA GLU A 14 13.32 -2.71 -25.60
C GLU A 14 12.81 -3.37 -24.31
N GLU A 15 11.49 -3.48 -24.18
CA GLU A 15 10.85 -4.13 -23.06
C GLU A 15 11.21 -5.65 -23.00
N TRP A 16 11.34 -6.32 -24.14
CA TRP A 16 11.77 -7.73 -24.15
C TRP A 16 13.19 -7.92 -23.66
N GLU A 17 14.07 -7.04 -24.09
CA GLU A 17 15.37 -6.93 -23.57
C GLU A 17 15.42 -6.70 -22.01
N LEU A 18 14.62 -5.76 -21.48
CA LEU A 18 14.54 -5.57 -20.03
C LEU A 18 14.05 -6.87 -19.35
N ILE A 19 13.07 -7.52 -19.98
CA ILE A 19 12.52 -8.77 -19.53
C ILE A 19 13.64 -9.84 -19.41
N LYS A 20 14.49 -10.00 -20.41
CA LYS A 20 15.57 -10.97 -20.37
C LYS A 20 16.58 -10.64 -19.25
N THR A 21 16.96 -9.38 -19.17
CA THR A 21 17.77 -8.93 -18.05
C THR A 21 17.20 -9.24 -16.68
N VAL A 22 16.00 -8.83 -16.39
CA VAL A 22 15.44 -9.14 -15.06
C VAL A 22 15.23 -10.66 -14.82
N THR A 23 14.85 -11.39 -15.87
CA THR A 23 14.55 -12.81 -15.74
C THR A 23 15.83 -13.58 -15.40
N GLU A 24 16.91 -13.28 -16.10
CA GLU A 24 18.20 -13.85 -15.80
C GLU A 24 18.68 -13.51 -14.42
N ALA A 25 18.55 -12.25 -14.06
CA ALA A 25 19.01 -11.80 -12.73
C ALA A 25 18.36 -12.61 -11.64
N HIS A 26 17.05 -12.86 -11.80
CA HIS A 26 16.28 -13.65 -10.86
C HIS A 26 16.64 -15.14 -10.90
N VAL A 27 16.63 -15.81 -12.07
CA VAL A 27 16.95 -17.25 -12.07
C VAL A 27 18.36 -17.58 -11.68
N ALA A 28 19.28 -16.64 -11.92
CA ALA A 28 20.68 -16.81 -11.49
C ALA A 28 20.85 -16.82 -9.98
N THR A 29 19.88 -16.22 -9.28
CA THR A 29 19.97 -16.06 -7.83
C THR A 29 18.84 -16.79 -7.15
N ASN A 30 18.29 -17.81 -7.81
CA ASN A 30 17.16 -18.52 -7.23
C ASN A 30 17.37 -20.04 -7.29
N ALA A 31 18.55 -20.49 -6.92
CA ALA A 31 18.94 -21.93 -6.87
C ALA A 31 17.85 -23.04 -6.99
N GLN A 32 17.99 -23.86 -8.04
CA GLN A 32 17.19 -25.07 -8.38
C GLN A 32 15.75 -24.83 -8.86
N TRP A 36 12.89 -26.57 -7.71
CA TRP A 36 13.24 -26.78 -6.30
C TRP A 36 12.81 -28.13 -5.73
N LYS A 37 11.77 -28.75 -6.29
CA LYS A 37 11.29 -30.01 -5.72
C LYS A 37 12.34 -31.08 -5.98
N GLN A 38 12.46 -32.04 -5.05
CA GLN A 38 13.64 -32.92 -4.96
C GLN A 38 14.86 -32.13 -4.43
N LYS A 39 15.71 -32.80 -3.64
CA LYS A 39 16.85 -32.19 -2.87
C LYS A 39 16.44 -31.47 -1.58
N ARG A 40 15.15 -31.17 -1.47
CA ARG A 40 14.56 -30.44 -0.35
C ARG A 40 14.50 -31.36 0.88
N LYS A 41 15.03 -30.88 1.99
CA LYS A 41 15.04 -31.55 3.27
C LYS A 41 14.05 -30.86 4.20
N PHE A 42 13.24 -31.64 4.92
CA PHE A 42 12.29 -31.10 5.90
C PHE A 42 13.00 -30.79 7.18
N LEU A 43 12.69 -29.62 7.74
CA LEU A 43 13.14 -29.31 9.10
C LEU A 43 12.43 -30.37 9.98
N PRO A 44 13.20 -31.06 10.80
CA PRO A 44 12.71 -32.14 11.67
C PRO A 44 11.49 -31.71 12.45
N GLU A 45 10.48 -32.56 12.51
CA GLU A 45 9.17 -32.16 13.03
C GLU A 45 9.15 -31.76 14.51
N ASP A 46 10.11 -32.27 15.26
CA ASP A 46 10.31 -31.86 16.64
C ASP A 46 10.79 -30.41 16.79
N ILE A 47 11.41 -29.82 15.78
CA ILE A 47 12.16 -28.61 16.01
C ILE A 47 11.34 -27.45 16.57
N GLY A 48 10.37 -26.93 15.86
CA GLY A 48 9.74 -25.72 16.44
C GLY A 48 8.23 -25.82 16.47
N GLN A 49 7.76 -26.91 17.07
CA GLN A 49 6.37 -27.34 17.05
C GLN A 49 6.13 -28.25 18.25
N ALA A 50 5.14 -27.92 19.08
CA ALA A 50 4.63 -28.88 20.04
C ALA A 50 3.80 -29.88 19.25
N PRO A 51 4.01 -31.17 19.48
CA PRO A 51 3.12 -32.19 18.87
C PRO A 51 1.60 -31.85 19.08
N ILE A 52 1.23 -31.40 20.26
CA ILE A 52 -0.15 -31.02 20.61
C ILE A 52 -0.08 -29.56 21.10
N VAL A 53 -0.82 -28.66 20.41
CA VAL A 53 -0.80 -27.24 20.64
C VAL A 53 -1.83 -26.88 21.67
N ASN A 54 -1.43 -26.26 22.77
CA ASN A 54 -2.31 -25.89 23.91
C ASN A 54 -2.55 -24.40 24.13
N ALA A 55 -1.79 -23.54 23.42
CA ALA A 55 -1.96 -22.06 23.46
C ALA A 55 -1.67 -21.49 22.08
N PRO A 56 -2.14 -20.28 21.80
CA PRO A 56 -1.74 -19.61 20.56
C PRO A 56 -0.16 -19.61 20.43
N GLU A 57 0.27 -19.91 19.22
CA GLU A 57 1.67 -20.04 18.81
C GLU A 57 2.29 -18.71 18.39
N GLY A 58 3.61 -18.58 18.48
CA GLY A 58 4.33 -17.45 17.93
C GLY A 58 4.48 -16.30 18.89
N GLY A 59 4.27 -16.60 20.17
CA GLY A 59 4.20 -15.59 21.21
C GLY A 59 5.55 -15.32 21.86
N LYS A 60 6.37 -16.36 21.95
CA LYS A 60 7.79 -16.28 22.26
C LYS A 60 8.58 -16.97 21.10
N VAL A 61 9.82 -16.60 20.95
CA VAL A 61 10.67 -17.17 19.95
C VAL A 61 11.25 -18.52 20.42
N ASP A 62 11.01 -19.58 19.65
CA ASP A 62 11.70 -20.84 19.91
C ASP A 62 13.17 -20.71 19.41
N LEU A 63 14.08 -20.66 20.36
CA LEU A 63 15.50 -20.44 20.06
C LEU A 63 16.15 -21.47 19.15
N GLU A 64 15.83 -22.74 19.29
CA GLU A 64 16.31 -23.79 18.39
C GLU A 64 15.83 -23.61 16.96
N ALA A 65 14.54 -23.41 16.77
CA ALA A 65 14.02 -23.15 15.44
C ALA A 65 14.74 -21.94 14.88
N PHE A 66 14.87 -20.92 15.72
CA PHE A 66 15.41 -19.64 15.27
C PHE A 66 16.80 -19.85 14.74
N SER A 67 17.62 -20.58 15.52
CA SER A 67 19.00 -20.81 15.09
C SER A 67 19.11 -21.57 13.80
N HIS A 68 18.22 -22.50 13.53
CA HIS A 68 18.21 -23.15 12.21
C HIS A 68 17.86 -22.19 11.08
N PHE A 69 16.91 -21.30 11.31
CA PHE A 69 16.63 -20.34 10.28
C PHE A 69 17.78 -19.40 10.03
N THR A 70 18.44 -18.94 11.08
CA THR A 70 19.51 -17.93 10.87
C THR A 70 20.71 -18.60 10.19
N LYS A 71 20.77 -19.92 10.23
CA LYS A 71 21.82 -20.65 9.52
C LYS A 71 21.73 -20.49 7.99
N ILE A 72 20.55 -20.24 7.43
CA ILE A 72 20.38 -20.12 5.99
C ILE A 72 20.03 -18.62 5.58
N ILE A 73 20.04 -17.72 6.53
CA ILE A 73 19.60 -16.40 6.24
C ILE A 73 20.71 -15.58 5.55
N THR A 74 21.98 -15.91 5.73
CA THR A 74 23.03 -15.17 5.05
C THR A 74 22.95 -15.43 3.56
N PRO A 75 22.99 -16.69 3.11
CA PRO A 75 22.79 -16.99 1.69
C PRO A 75 21.47 -16.40 1.16
N ALA A 76 20.42 -16.43 1.98
CA ALA A 76 19.13 -15.91 1.51
C ALA A 76 19.22 -14.41 1.17
N ILE A 77 19.82 -13.64 2.05
CA ILE A 77 19.92 -12.19 1.86
C ILE A 77 20.86 -11.90 0.67
N THR A 78 21.89 -12.72 0.49
CA THR A 78 22.86 -12.40 -0.56
C THR A 78 22.32 -12.63 -1.95
N ARG A 79 21.44 -13.58 -2.07
CA ARG A 79 20.72 -13.77 -3.31
C ARG A 79 19.82 -12.59 -3.64
N VAL A 80 19.23 -11.99 -2.64
CA VAL A 80 18.46 -10.80 -2.95
C VAL A 80 19.47 -9.73 -3.38
N VAL A 81 20.59 -9.57 -2.67
CA VAL A 81 21.57 -8.54 -3.01
C VAL A 81 22.14 -8.81 -4.42
N ASP A 82 22.38 -10.04 -4.80
CA ASP A 82 22.94 -10.34 -6.15
C ASP A 82 21.95 -10.12 -7.27
N PHE A 83 20.68 -10.31 -6.95
CA PHE A 83 19.61 -10.07 -7.89
C PHE A 83 19.61 -8.63 -8.28
N ALA A 84 19.59 -7.77 -7.29
CA ALA A 84 19.59 -6.33 -7.50
C ALA A 84 20.82 -5.82 -8.26
N LYS A 85 21.98 -6.41 -7.97
CA LYS A 85 23.24 -5.92 -8.51
C LYS A 85 23.37 -6.28 -9.99
N LYS A 86 22.69 -7.31 -10.46
CA LYS A 86 22.52 -7.65 -11.88
C LYS A 86 21.52 -6.73 -12.69
N LEU A 87 20.85 -5.80 -12.03
CA LEU A 87 19.99 -4.88 -12.75
C LEU A 87 20.79 -3.66 -13.14
N PRO A 88 20.93 -3.39 -14.44
CA PRO A 88 21.68 -2.21 -14.85
C PRO A 88 21.06 -0.92 -14.27
N MET A 89 19.74 -0.80 -14.21
CA MET A 89 19.15 0.38 -13.51
C MET A 89 19.60 0.56 -12.01
N PHE A 90 19.73 -0.56 -11.24
CA PHE A 90 20.14 -0.45 -9.81
C PHE A 90 21.62 0.01 -9.76
N CYS A 91 22.39 -0.38 -10.76
CA CYS A 91 23.81 -0.04 -10.77
C CYS A 91 24.06 1.45 -11.16
N GLU A 92 23.01 2.20 -11.54
CA GLU A 92 23.14 3.62 -11.83
C GLU A 92 22.81 4.38 -10.58
N LEU A 93 22.32 3.73 -9.54
CA LEU A 93 22.08 4.50 -8.35
C LEU A 93 23.35 4.65 -7.50
N PRO A 94 23.45 5.73 -6.77
CA PRO A 94 24.54 5.89 -5.82
C PRO A 94 24.36 4.85 -4.71
N CYS A 95 25.49 4.53 -4.07
CA CYS A 95 25.62 3.52 -3.06
C CYS A 95 24.61 3.72 -1.91
N GLU A 96 24.39 4.92 -1.41
CA GLU A 96 23.44 5.12 -0.31
C GLU A 96 21.96 4.80 -0.68
N ASP A 97 21.58 5.04 -1.90
CA ASP A 97 20.27 4.66 -2.36
C ASP A 97 20.22 3.14 -2.55
N GLN A 98 21.30 2.54 -3.04
CA GLN A 98 21.39 1.08 -3.21
C GLN A 98 21.12 0.40 -1.86
N ILE A 99 21.77 0.93 -0.83
CA ILE A 99 21.69 0.40 0.52
C ILE A 99 20.28 0.45 1.07
N ILE A 100 19.73 1.67 1.06
CA ILE A 100 18.37 1.87 1.50
C ILE A 100 17.35 1.02 0.75
N LEU A 101 17.48 0.84 -0.56
CA LEU A 101 16.50 0.03 -1.31
C LEU A 101 16.61 -1.45 -0.98
N LEU A 102 17.82 -1.94 -0.79
CA LEU A 102 18.02 -3.33 -0.35
C LEU A 102 17.47 -3.56 1.04
N LYS A 103 17.71 -2.66 1.96
CA LYS A 103 17.06 -2.73 3.27
C LYS A 103 15.49 -2.76 3.15
N GLY A 104 14.93 -1.96 2.24
CA GLY A 104 13.50 -1.80 2.20
C GLY A 104 12.87 -3.05 1.60
N CYS A 105 13.49 -3.69 0.59
CA CYS A 105 12.82 -4.71 -0.18
C CYS A 105 13.24 -6.09 0.20
N CYS A 106 14.28 -6.21 1.05
CA CYS A 106 14.85 -7.51 1.31
C CYS A 106 13.79 -8.49 1.75
N MET A 107 13.11 -8.20 2.87
CA MET A 107 12.11 -9.15 3.36
C MET A 107 10.93 -9.36 2.36
N GLU A 108 10.60 -8.34 1.57
CA GLU A 108 9.52 -8.39 0.59
C GLU A 108 9.87 -9.41 -0.48
N ILE A 109 11.11 -9.43 -0.93
CA ILE A 109 11.51 -10.37 -1.98
C ILE A 109 11.70 -11.73 -1.36
N MET A 110 12.39 -11.83 -0.22
CA MET A 110 12.51 -13.12 0.39
C MET A 110 11.11 -13.75 0.54
N SER A 111 10.11 -12.97 0.96
CA SER A 111 8.79 -13.52 1.32
C SER A 111 8.05 -14.01 0.10
N LEU A 112 8.22 -13.26 -0.97
CA LEU A 112 7.63 -13.55 -2.27
C LEU A 112 8.20 -14.90 -2.67
N ARG A 113 9.52 -15.02 -2.70
CA ARG A 113 10.13 -16.29 -3.11
C ARG A 113 9.66 -17.50 -2.31
N ALA A 114 9.63 -17.34 -1.00
CA ALA A 114 9.24 -18.45 -0.19
C ALA A 114 7.79 -18.78 -0.54
N ALA A 115 6.93 -17.77 -0.73
CA ALA A 115 5.52 -17.99 -0.95
C ALA A 115 5.34 -18.70 -2.30
N VAL A 116 6.03 -18.32 -3.34
CA VAL A 116 5.93 -19.09 -4.55
C VAL A 116 6.41 -20.55 -4.42
N ARG A 117 7.24 -20.88 -3.43
CA ARG A 117 7.54 -22.26 -3.21
C ARG A 117 6.51 -22.97 -2.29
N TYR A 118 5.27 -22.52 -2.20
CA TYR A 118 4.29 -23.20 -1.33
C TYR A 118 3.98 -24.58 -1.90
N ASP A 119 3.81 -25.58 -1.03
CA ASP A 119 3.49 -26.96 -1.46
C ASP A 119 2.17 -27.35 -0.75
N PRO A 120 1.11 -27.41 -1.55
CA PRO A 120 -0.25 -27.65 -1.06
C PRO A 120 -0.43 -28.99 -0.37
N GLU A 121 0.31 -30.00 -0.82
CA GLU A 121 0.21 -31.37 -0.32
C GLU A 121 0.89 -31.58 1.06
N SER A 122 2.07 -30.99 1.29
CA SER A 122 2.76 -31.10 2.57
C SER A 122 2.38 -29.98 3.54
N GLU A 123 1.69 -28.97 3.03
CA GLU A 123 1.46 -27.72 3.73
C GLU A 123 2.78 -26.95 4.12
N THR A 124 3.84 -27.03 3.28
CA THR A 124 5.11 -26.40 3.61
C THR A 124 5.59 -25.31 2.66
N LEU A 125 6.43 -24.41 3.17
CA LEU A 125 7.20 -23.48 2.30
C LEU A 125 8.55 -24.06 2.30
N THR A 126 9.25 -23.93 1.20
CA THR A 126 10.62 -24.41 1.14
C THR A 126 11.48 -23.13 1.04
N LEU A 127 12.19 -22.79 2.08
CA LEU A 127 12.99 -21.57 2.12
C LEU A 127 14.33 -21.86 1.45
N ASN A 128 14.81 -20.94 0.63
CA ASN A 128 16.03 -21.08 -0.16
C ASN A 128 16.01 -22.18 -1.23
N GLY A 129 14.83 -22.73 -1.50
CA GLY A 129 14.75 -23.93 -2.30
C GLY A 129 15.34 -25.18 -1.64
N GLU A 130 15.68 -25.13 -0.33
CA GLU A 130 16.31 -26.25 0.40
C GLU A 130 15.65 -26.74 1.68
N MET A 131 14.97 -25.87 2.41
CA MET A 131 14.45 -26.25 3.72
C MET A 131 12.97 -26.06 3.77
N ALA A 132 12.25 -27.18 3.82
CA ALA A 132 10.81 -27.15 3.95
C ALA A 132 10.37 -26.99 5.39
N VAL A 133 9.48 -26.05 5.60
CA VAL A 133 9.01 -25.71 6.93
C VAL A 133 7.49 -25.62 6.96
N THR A 134 6.88 -25.97 8.10
CA THR A 134 5.45 -25.75 8.26
C THR A 134 5.22 -24.35 8.82
N ARG A 135 3.95 -24.04 8.85
CA ARG A 135 3.46 -22.74 9.26
C ARG A 135 3.78 -22.55 10.70
N GLY A 136 3.69 -23.62 11.49
CA GLY A 136 3.97 -23.56 12.91
C GLY A 136 5.45 -23.29 13.16
N GLN A 137 6.31 -24.04 12.46
CA GLN A 137 7.74 -23.93 12.61
C GLN A 137 8.29 -22.56 12.25
N LEU A 138 7.85 -22.00 11.14
CA LEU A 138 8.24 -20.65 10.76
C LEU A 138 7.73 -19.55 11.74
N LYS A 139 6.50 -19.71 12.22
CA LYS A 139 5.82 -18.86 13.23
C LYS A 139 6.58 -18.92 14.56
N ASN A 140 6.75 -20.14 15.05
CA ASN A 140 7.45 -20.31 16.31
C ASN A 140 8.94 -19.90 16.27
N GLY A 141 9.62 -20.09 15.16
CA GLY A 141 11.05 -19.75 15.13
C GLY A 141 11.32 -18.27 14.93
N GLY A 142 10.31 -17.42 15.06
CA GLY A 142 10.58 -16.01 15.02
C GLY A 142 9.62 -15.17 14.23
N LEU A 143 8.97 -15.74 13.20
CA LEU A 143 8.16 -14.90 12.33
C LEU A 143 6.82 -14.55 12.94
N GLY A 144 6.37 -15.29 13.95
CA GLY A 144 5.03 -15.05 14.49
C GLY A 144 3.98 -14.98 13.40
N VAL A 145 3.06 -14.03 13.46
CA VAL A 145 1.99 -13.90 12.45
C VAL A 145 2.43 -13.70 10.96
N VAL A 146 3.68 -13.29 10.72
CA VAL A 146 4.26 -13.16 9.40
C VAL A 146 4.36 -14.56 8.73
N SER A 147 4.45 -15.65 9.52
CA SER A 147 4.35 -16.96 8.98
C SER A 147 2.98 -17.07 8.31
N ASP A 148 1.89 -16.67 8.99
CA ASP A 148 0.56 -16.79 8.37
C ASP A 148 0.49 -16.03 7.10
N ALA A 149 1.03 -14.79 7.12
CA ALA A 149 0.89 -13.93 5.96
C ALA A 149 1.63 -14.55 4.77
N ILE A 150 2.80 -15.17 4.97
CA ILE A 150 3.52 -15.74 3.87
C ILE A 150 2.82 -17.06 3.38
N PHE A 151 2.39 -17.92 4.30
CA PHE A 151 1.62 -19.12 3.89
C PHE A 151 0.39 -18.76 3.13
N ASP A 152 -0.35 -17.78 3.67
CA ASP A 152 -1.59 -17.39 3.06
C ASP A 152 -1.36 -16.80 1.71
N LEU A 153 -0.35 -15.98 1.56
CA LEU A 153 0.02 -15.43 0.26
C LEU A 153 0.42 -16.56 -0.66
N GLY A 154 1.19 -17.53 -0.13
CA GLY A 154 1.62 -18.68 -0.93
C GLY A 154 0.41 -19.46 -1.47
N MET A 155 -0.53 -19.68 -0.59
CA MET A 155 -1.76 -20.35 -0.99
C MET A 155 -2.50 -19.56 -2.06
N SER A 156 -2.63 -18.24 -1.89
CA SER A 156 -3.40 -17.48 -2.87
C SER A 156 -2.69 -17.27 -4.23
N LEU A 157 -1.37 -17.48 -4.24
CA LEU A 157 -0.58 -17.32 -5.46
C LEU A 157 -0.64 -18.52 -6.43
N SER A 158 -0.96 -19.72 -5.94
CA SER A 158 -1.04 -20.91 -6.83
C SER A 158 -1.94 -20.69 -8.01
N SER A 159 -3.04 -19.99 -7.81
CA SER A 159 -4.01 -19.78 -8.89
C SER A 159 -3.48 -18.77 -9.89
N PHE A 160 -2.52 -17.93 -9.49
CA PHE A 160 -1.92 -16.97 -10.41
C PHE A 160 -0.99 -17.59 -11.43
N ASN A 161 -0.51 -18.79 -11.15
CA ASN A 161 0.41 -19.52 -11.98
C ASN A 161 1.59 -18.64 -12.44
N LEU A 162 2.21 -17.92 -11.50
CA LEU A 162 3.36 -17.10 -11.81
C LEU A 162 4.50 -17.85 -12.55
N ASP A 163 5.17 -17.19 -13.50
CA ASP A 163 6.37 -17.81 -14.08
C ASP A 163 7.60 -17.04 -13.60
N ASP A 164 8.76 -17.49 -14.03
CA ASP A 164 10.04 -16.89 -13.58
C ASP A 164 10.10 -15.36 -13.83
N THR A 165 9.61 -14.95 -14.98
CA THR A 165 9.62 -13.60 -15.43
C THR A 165 8.70 -12.71 -14.56
N GLU A 166 7.55 -13.26 -14.24
CA GLU A 166 6.57 -12.59 -13.47
C GLU A 166 7.09 -12.39 -12.04
N VAL A 167 7.76 -13.42 -11.47
CA VAL A 167 8.26 -13.31 -10.15
C VAL A 167 9.39 -12.26 -10.22
N ALA A 168 10.27 -12.31 -11.24
CA ALA A 168 11.43 -11.46 -11.36
C ALA A 168 10.99 -9.99 -11.38
N LEU A 169 9.96 -9.77 -12.15
CA LEU A 169 9.36 -8.44 -12.39
C LEU A 169 8.77 -7.92 -11.11
N LEU A 170 7.96 -8.69 -10.43
CA LEU A 170 7.51 -8.24 -9.10
C LEU A 170 8.70 -7.82 -8.20
N GLN A 171 9.76 -8.62 -8.16
CA GLN A 171 10.93 -8.29 -7.33
C GLN A 171 11.54 -6.93 -7.74
N ALA A 172 11.54 -6.65 -9.01
CA ALA A 172 12.14 -5.37 -9.46
C ALA A 172 11.20 -4.23 -9.10
N VAL A 173 9.88 -4.42 -9.19
CA VAL A 173 8.88 -3.42 -8.72
C VAL A 173 9.05 -3.08 -7.22
N LEU A 174 9.27 -4.14 -6.45
CA LEU A 174 9.45 -4.03 -5.02
C LEU A 174 10.80 -3.34 -4.73
N LEU A 175 11.81 -3.71 -5.52
CA LEU A 175 13.14 -3.16 -5.38
C LEU A 175 13.11 -1.67 -5.61
N MET A 176 12.44 -1.23 -6.70
CA MET A 176 12.46 0.13 -7.09
C MET A 176 11.35 0.92 -6.43
N SER A 177 11.23 0.89 -5.09
CA SER A 177 10.19 1.69 -4.40
C SER A 177 10.79 3.03 -4.00
N SER A 178 10.27 4.13 -4.53
CA SER A 178 10.86 5.44 -4.35
C SER A 178 10.50 6.13 -3.01
N ASP A 179 9.63 5.52 -2.21
CA ASP A 179 9.20 6.08 -0.97
C ASP A 179 9.93 5.48 0.26
N ARG A 180 11.00 4.71 0.06
CA ARG A 180 11.80 4.33 1.23
C ARG A 180 12.34 5.68 1.81
N PRO A 181 12.35 5.80 3.14
CA PRO A 181 12.84 7.01 3.83
C PRO A 181 14.30 7.17 3.52
N GLY A 182 14.77 8.36 3.27
CA GLY A 182 16.20 8.59 3.11
C GLY A 182 16.70 8.63 1.68
N LEU A 183 15.85 8.25 0.71
CA LEU A 183 16.33 8.19 -0.70
C LEU A 183 16.72 9.57 -1.23
N ALA A 184 17.79 9.62 -1.99
CA ALA A 184 18.18 10.85 -2.70
C ALA A 184 17.52 10.88 -4.08
N CYS A 185 17.67 9.83 -4.90
CA CYS A 185 17.24 9.85 -6.32
C CYS A 185 15.77 9.36 -6.52
N VAL A 186 14.86 10.03 -5.88
CA VAL A 186 13.48 9.65 -5.78
C VAL A 186 12.84 9.55 -7.20
N GLU A 187 13.08 10.57 -8.04
CA GLU A 187 12.46 10.68 -9.37
C GLU A 187 13.06 9.66 -10.30
N ARG A 188 14.37 9.45 -10.24
CA ARG A 188 14.99 8.42 -11.09
C ARG A 188 14.48 7.01 -10.75
N ILE A 189 14.25 6.77 -9.44
CA ILE A 189 13.85 5.45 -9.01
C ILE A 189 12.42 5.15 -9.41
N GLU A 190 11.57 6.14 -9.33
CA GLU A 190 10.19 5.99 -9.74
C GLU A 190 10.09 5.73 -11.24
N LYS A 191 10.98 6.30 -12.03
CA LYS A 191 11.00 6.17 -13.52
C LYS A 191 11.43 4.76 -13.87
N TYR A 192 12.37 4.23 -13.13
CA TYR A 192 12.75 2.85 -13.32
C TYR A 192 11.64 1.89 -12.95
N GLN A 193 10.95 2.18 -11.86
CA GLN A 193 9.83 1.41 -11.39
C GLN A 193 8.74 1.39 -12.45
N ASP A 194 8.42 2.58 -12.99
CA ASP A 194 7.45 2.74 -14.08
C ASP A 194 7.86 1.96 -15.30
N SER A 195 9.15 1.96 -15.62
CA SER A 195 9.68 1.18 -16.71
C SER A 195 9.49 -0.30 -16.44
N PHE A 196 9.93 -0.77 -15.29
CA PHE A 196 9.63 -2.15 -14.93
C PHE A 196 8.14 -2.50 -14.98
N LEU A 197 7.27 -1.66 -14.44
CA LEU A 197 5.85 -1.86 -14.41
C LEU A 197 5.19 -1.90 -15.81
N LEU A 198 5.65 -1.04 -16.68
CA LEU A 198 5.13 -1.00 -18.05
C LEU A 198 5.55 -2.32 -18.73
N ALA A 199 6.80 -2.76 -18.60
CA ALA A 199 7.15 -4.02 -19.23
C ALA A 199 6.37 -5.20 -18.66
N PHE A 200 6.06 -5.11 -17.38
CA PHE A 200 5.40 -6.14 -16.62
C PHE A 200 3.98 -6.30 -17.11
N GLU A 201 3.31 -5.19 -17.21
CA GLU A 201 1.94 -5.19 -17.68
C GLU A 201 1.88 -5.70 -19.13
N HIS A 202 2.82 -5.29 -19.96
CA HIS A 202 2.85 -5.79 -21.31
C HIS A 202 3.09 -7.28 -21.41
N TYR A 203 3.99 -7.77 -20.56
CA TYR A 203 4.18 -9.20 -20.44
C TYR A 203 2.90 -9.89 -20.02
N ILE A 204 2.27 -9.42 -18.95
CA ILE A 204 0.96 -9.99 -18.56
C ILE A 204 -0.07 -9.95 -19.69
N ASN A 205 -0.06 -8.91 -20.51
CA ASN A 205 -0.95 -8.83 -21.68
C ASN A 205 -0.68 -9.96 -22.70
N TYR A 206 0.60 -10.29 -22.90
CA TYR A 206 1.08 -11.37 -23.74
C TYR A 206 0.69 -12.72 -23.08
N ARG A 207 0.81 -12.88 -21.76
CA ARG A 207 0.63 -14.17 -21.08
C ARG A 207 -0.80 -14.70 -21.08
N LYS A 208 -1.76 -13.78 -20.94
CA LYS A 208 -3.17 -14.11 -21.07
C LYS A 208 -3.67 -15.07 -20.00
N HIS A 209 -3.35 -14.83 -18.73
CA HIS A 209 -3.89 -15.64 -17.67
C HIS A 209 -5.39 -15.58 -17.78
N HIS A 210 -6.08 -16.69 -17.50
CA HIS A 210 -7.55 -16.72 -17.65
C HIS A 210 -8.35 -16.26 -16.45
N VAL A 211 -8.01 -15.14 -15.84
CA VAL A 211 -8.81 -14.59 -14.72
C VAL A 211 -9.04 -13.14 -14.96
N THR A 212 -10.18 -12.60 -14.57
CA THR A 212 -10.53 -11.19 -14.95
C THR A 212 -9.65 -10.20 -14.14
N HIS A 213 -9.25 -9.08 -14.71
CA HIS A 213 -8.49 -8.05 -13.97
C HIS A 213 -7.24 -8.65 -13.35
N PHE A 214 -6.56 -9.45 -14.11
CA PHE A 214 -5.45 -10.19 -13.53
C PHE A 214 -4.39 -9.23 -13.09
N TRP A 215 -4.10 -8.19 -13.87
CA TRP A 215 -3.04 -7.20 -13.63
C TRP A 215 -3.19 -6.50 -12.26
N PRO A 216 -4.29 -5.83 -12.04
CA PRO A 216 -4.59 -5.25 -10.73
C PRO A 216 -4.66 -6.31 -9.65
N LYS A 217 -5.11 -7.52 -9.96
CA LYS A 217 -5.13 -8.55 -8.95
C LYS A 217 -3.70 -8.88 -8.49
N LEU A 218 -2.78 -9.02 -9.43
CA LEU A 218 -1.42 -9.32 -9.18
C LEU A 218 -0.74 -8.10 -8.54
N LEU A 219 -1.09 -6.89 -9.00
CA LEU A 219 -0.46 -5.69 -8.40
C LEU A 219 -0.69 -5.59 -6.92
N MET A 220 -1.85 -6.04 -6.50
CA MET A 220 -2.29 -5.99 -5.14
C MET A 220 -1.34 -6.76 -4.23
N LYS A 221 -0.80 -7.87 -4.71
CA LYS A 221 0.21 -8.65 -4.00
C LYS A 221 1.45 -7.81 -3.61
N VAL A 222 1.80 -6.79 -4.39
CA VAL A 222 2.88 -5.85 -4.00
C VAL A 222 2.55 -5.13 -2.71
N THR A 223 1.29 -4.72 -2.57
CA THR A 223 0.80 -4.11 -1.32
C THR A 223 0.85 -5.08 -0.16
N ASP A 224 0.50 -6.32 -0.43
CA ASP A 224 0.60 -7.29 0.66
C ASP A 224 2.06 -7.55 1.14
N LEU A 225 2.99 -7.70 0.17
CA LEU A 225 4.37 -7.97 0.41
C LEU A 225 5.02 -6.76 1.14
N ARG A 226 4.64 -5.55 0.78
CA ARG A 226 4.99 -4.34 1.57
C ARG A 226 4.59 -4.46 3.05
N MET A 227 3.38 -4.86 3.34
CA MET A 227 2.93 -4.93 4.75
C MET A 227 3.69 -6.02 5.43
N ILE A 228 3.93 -7.14 4.76
CA ILE A 228 4.69 -8.26 5.34
C ILE A 228 6.06 -7.78 5.71
N GLY A 229 6.66 -6.95 4.87
CA GLY A 229 7.96 -6.40 5.22
C GLY A 229 7.89 -5.51 6.45
N ALA A 230 6.89 -4.68 6.51
CA ALA A 230 6.70 -3.78 7.63
C ALA A 230 6.48 -4.59 8.93
N CYS A 231 5.67 -5.61 8.82
CA CYS A 231 5.35 -6.44 9.96
C CYS A 231 6.59 -7.21 10.49
N HIS A 232 7.43 -7.71 9.57
CA HIS A 232 8.68 -8.39 9.94
C HIS A 232 9.62 -7.41 10.67
N ALA A 233 9.63 -6.13 10.32
CA ALA A 233 10.52 -5.15 10.96
C ALA A 233 10.18 -5.12 12.45
N SER A 234 8.91 -5.30 12.78
CA SER A 234 8.56 -5.44 14.20
C SER A 234 9.03 -6.79 14.76
N ARG A 235 8.87 -7.90 14.04
CA ARG A 235 9.44 -9.18 14.47
C ARG A 235 10.96 -9.15 14.73
N PHE A 236 11.73 -8.44 13.92
CA PHE A 236 13.14 -8.29 14.15
C PHE A 236 13.42 -7.68 15.53
N LEU A 237 12.60 -6.74 15.96
CA LEU A 237 12.78 -6.08 17.25
C LEU A 237 12.57 -7.04 18.39
N HIS A 238 11.55 -7.89 18.28
CA HIS A 238 11.22 -8.87 19.31
C HIS A 238 12.29 -9.94 19.31
N MET A 239 12.77 -10.28 18.11
CA MET A 239 13.86 -11.22 17.99
C MET A 239 15.10 -10.65 18.68
N LYS A 240 15.41 -9.36 18.49
CA LYS A 240 16.54 -8.70 19.18
C LYS A 240 16.53 -8.74 20.69
N VAL A 241 15.37 -8.66 21.28
CA VAL A 241 15.22 -8.67 22.74
C VAL A 241 15.27 -10.15 23.25
N GLU A 242 14.71 -11.11 22.50
CA GLU A 242 14.53 -12.47 23.04
C GLU A 242 15.65 -13.40 22.67
N CYS A 243 16.40 -13.11 21.63
CA CYS A 243 17.37 -14.06 21.20
C CYS A 243 18.78 -13.58 21.59
N PRO A 244 19.62 -14.54 21.99
CA PRO A 244 21.04 -14.22 22.23
C PRO A 244 21.79 -13.83 20.92
N THR A 245 22.48 -12.74 21.08
CA THR A 245 23.25 -12.07 20.07
C THR A 245 24.08 -12.96 19.09
N GLU A 246 24.60 -14.07 19.60
CA GLU A 246 25.49 -14.95 18.87
C GLU A 246 24.74 -15.70 17.79
N LEU A 247 23.44 -15.74 17.87
CA LEU A 247 22.73 -16.40 16.81
C LEU A 247 22.32 -15.46 15.67
N PHE A 248 22.72 -14.17 15.68
CA PHE A 248 22.36 -13.23 14.60
C PHE A 248 23.54 -13.05 13.69
N PRO A 249 23.59 -13.69 12.52
CA PRO A 249 24.70 -13.47 11.59
C PRO A 249 24.84 -11.96 11.21
N PRO A 250 26.07 -11.51 10.97
CA PRO A 250 26.36 -10.08 10.70
C PRO A 250 25.62 -9.52 9.46
N LEU A 251 25.42 -10.28 8.41
CA LEU A 251 24.59 -9.82 7.30
C LEU A 251 23.08 -9.68 7.68
N PHE A 252 22.58 -10.53 8.56
CA PHE A 252 21.23 -10.36 9.10
C PHE A 252 21.11 -9.02 9.79
N LEU A 253 22.06 -8.74 10.66
CA LEU A 253 22.04 -7.47 11.42
C LEU A 253 22.22 -6.27 10.50
N GLU A 254 23.06 -6.42 9.50
CA GLU A 254 23.36 -5.29 8.67
C GLU A 254 22.12 -4.89 7.83
N VAL A 255 21.30 -5.82 7.39
CA VAL A 255 20.19 -5.44 6.51
C VAL A 255 18.97 -5.01 7.30
N PHE A 256 18.75 -5.62 8.44
CA PHE A 256 17.53 -5.31 9.21
C PHE A 256 17.72 -4.36 10.39
N GLU A 257 18.94 -4.01 10.74
CA GLU A 257 19.18 -2.95 11.72
C GLU A 257 19.00 -1.55 11.08
N ASP A 258 18.41 -0.61 11.84
CA ASP A 258 18.47 0.86 11.67
C ASP A 258 17.80 1.58 10.51
N LYS B 8 7.05 2.72 22.97
CA LYS B 8 5.70 3.08 22.41
C LYS B 8 5.14 1.77 21.86
N PRO B 9 3.87 1.49 22.10
CA PRO B 9 3.33 0.21 21.61
C PRO B 9 3.28 0.20 20.08
N GLU B 10 3.38 -1.01 19.54
CA GLU B 10 3.33 -1.26 18.12
C GLU B 10 2.04 -2.03 17.84
N PRO B 11 1.72 -2.26 16.57
CA PRO B 11 0.44 -2.89 16.22
C PRO B 11 0.29 -4.27 16.82
N THR B 12 -0.83 -4.63 17.40
CA THR B 12 -1.06 -6.02 17.71
C THR B 12 -1.25 -6.85 16.46
N ASP B 13 -1.29 -8.15 16.62
CA ASP B 13 -1.61 -9.02 15.49
C ASP B 13 -2.94 -8.65 14.80
N GLU B 14 -3.93 -8.38 15.65
CA GLU B 14 -5.25 -7.97 15.26
C GLU B 14 -5.19 -6.59 14.56
N GLU B 15 -4.33 -5.67 15.02
CA GLU B 15 -4.16 -4.39 14.39
C GLU B 15 -3.50 -4.50 13.00
N TRP B 16 -2.54 -5.40 12.83
CA TRP B 16 -2.01 -5.80 11.50
C TRP B 16 -3.02 -6.27 10.55
N GLU B 17 -3.94 -7.11 11.00
CA GLU B 17 -5.03 -7.61 10.17
C GLU B 17 -5.98 -6.45 9.69
N LEU B 18 -6.27 -5.47 10.54
CA LEU B 18 -7.14 -4.34 10.14
C LEU B 18 -6.37 -3.46 9.17
N ILE B 19 -5.11 -3.26 9.46
CA ILE B 19 -4.21 -2.49 8.64
C ILE B 19 -4.19 -3.03 7.22
N LYS B 20 -4.15 -4.35 7.07
CA LYS B 20 -4.11 -5.01 5.79
C LYS B 20 -5.48 -4.78 5.15
N THR B 21 -6.56 -5.01 5.87
CA THR B 21 -7.90 -4.83 5.32
C THR B 21 -8.10 -3.40 4.79
N VAL B 22 -7.84 -2.39 5.61
CA VAL B 22 -8.09 -1.00 5.22
C VAL B 22 -7.14 -0.59 4.06
N THR B 23 -5.94 -1.12 4.07
CA THR B 23 -4.94 -0.69 3.08
C THR B 23 -5.30 -1.22 1.70
N GLU B 24 -5.70 -2.46 1.64
CA GLU B 24 -6.23 -3.04 0.41
C GLU B 24 -7.42 -2.25 -0.13
N ALA B 25 -8.34 -1.97 0.78
CA ALA B 25 -9.57 -1.25 0.45
C ALA B 25 -9.25 0.01 -0.36
N HIS B 26 -8.24 0.73 0.12
CA HIS B 26 -7.76 2.01 -0.41
C HIS B 26 -6.97 1.87 -1.68
N VAL B 27 -5.99 0.97 -1.70
CA VAL B 27 -5.19 0.82 -2.90
C VAL B 27 -6.09 0.25 -4.02
N ALA B 28 -6.98 -0.73 -3.76
CA ALA B 28 -7.91 -1.25 -4.79
C ALA B 28 -8.81 -0.20 -5.43
N THR B 29 -9.07 0.89 -4.73
CA THR B 29 -9.99 1.92 -5.21
C THR B 29 -9.30 3.22 -5.44
N ASN B 30 -7.97 3.21 -5.54
CA ASN B 30 -7.18 4.43 -5.76
C ASN B 30 -6.34 4.35 -7.03
N ALA B 31 -6.81 3.61 -8.05
CA ALA B 31 -6.18 3.59 -9.40
C ALA B 31 -4.78 4.22 -9.60
N GLN B 32 -3.75 3.40 -9.83
CA GLN B 32 -2.35 3.83 -10.05
C GLN B 32 -1.79 4.85 -9.05
N TRP B 36 1.34 7.55 -10.41
CA TRP B 36 0.73 8.61 -11.22
C TRP B 36 1.73 9.65 -11.73
N LYS B 37 2.92 9.71 -11.12
CA LYS B 37 3.96 10.69 -11.49
C LYS B 37 3.82 11.11 -12.95
N GLN B 38 3.66 10.13 -13.83
CA GLN B 38 3.03 10.37 -15.13
C GLN B 38 1.99 9.28 -15.46
N LYS B 39 0.75 9.74 -15.56
CA LYS B 39 -0.38 9.20 -16.35
C LYS B 39 -1.40 10.36 -16.48
N ARG B 40 -0.88 11.54 -16.17
CA ARG B 40 -1.63 12.69 -15.76
C ARG B 40 -1.62 13.71 -16.89
N LYS B 41 -2.72 14.45 -16.98
CA LYS B 41 -2.99 15.30 -18.12
C LYS B 41 -3.46 16.65 -17.61
N PHE B 42 -2.56 17.63 -17.69
CA PHE B 42 -2.83 19.02 -17.30
C PHE B 42 -4.01 19.64 -18.05
N LEU B 43 -5.08 19.97 -17.34
CA LEU B 43 -6.27 20.61 -17.95
C LEU B 43 -5.93 22.02 -18.56
N PRO B 44 -6.21 22.21 -19.86
CA PRO B 44 -5.73 23.42 -20.56
C PRO B 44 -5.91 24.78 -19.82
N GLU B 45 -4.83 25.55 -19.77
CA GLU B 45 -4.76 26.68 -18.84
C GLU B 45 -5.79 27.79 -19.12
N ASP B 46 -6.43 27.76 -20.30
CA ASP B 46 -7.59 28.65 -20.62
C ASP B 46 -8.98 28.25 -20.05
N ILE B 47 -9.09 27.04 -19.48
CA ILE B 47 -10.41 26.60 -18.94
C ILE B 47 -10.83 27.37 -17.67
N GLY B 48 -9.96 27.54 -16.68
CA GLY B 48 -10.43 28.27 -15.51
C GLY B 48 -9.63 29.48 -15.11
N GLN B 49 -8.98 30.15 -16.06
CA GLN B 49 -8.25 31.39 -15.74
C GLN B 49 -9.21 32.36 -15.02
N ALA B 50 -8.68 33.34 -14.28
CA ALA B 50 -9.57 34.29 -13.56
C ALA B 50 -9.69 35.68 -14.22
N LYS B 60 -19.12 34.55 -10.84
CA LYS B 60 -18.44 33.45 -10.18
C LYS B 60 -18.71 32.21 -11.02
N VAL B 61 -18.09 31.10 -10.66
CA VAL B 61 -18.38 29.81 -11.31
C VAL B 61 -18.26 29.74 -12.88
N ASP B 62 -17.06 29.40 -13.37
CA ASP B 62 -16.77 29.13 -14.80
C ASP B 62 -17.43 27.85 -15.32
N LEU B 63 -18.47 28.02 -16.15
CA LEU B 63 -19.29 26.93 -16.60
C LEU B 63 -18.49 25.89 -17.37
N GLU B 64 -17.33 26.27 -17.88
CA GLU B 64 -16.60 25.41 -18.78
C GLU B 64 -15.72 24.53 -17.91
N ALA B 65 -14.92 25.15 -17.06
CA ALA B 65 -14.23 24.41 -16.02
C ALA B 65 -15.16 23.47 -15.23
N PHE B 66 -16.37 23.92 -14.88
CA PHE B 66 -17.19 23.11 -13.96
C PHE B 66 -17.56 21.84 -14.69
N SER B 67 -18.12 22.00 -15.87
CA SER B 67 -18.39 20.91 -16.79
C SER B 67 -17.26 19.84 -16.85
N HIS B 68 -16.00 20.26 -16.99
CA HIS B 68 -14.88 19.31 -16.91
C HIS B 68 -14.71 18.57 -15.54
N PHE B 69 -15.06 19.22 -14.43
CA PHE B 69 -14.95 18.52 -13.13
C PHE B 69 -16.10 17.55 -12.94
N THR B 70 -17.34 17.90 -13.31
CA THR B 70 -18.40 16.94 -13.03
C THR B 70 -18.34 15.67 -13.88
N LYS B 71 -17.54 15.77 -14.93
CA LYS B 71 -17.38 14.69 -15.88
C LYS B 71 -16.69 13.59 -15.11
N ILE B 72 -15.74 13.95 -14.21
CA ILE B 72 -14.99 12.95 -13.43
C ILE B 72 -15.49 12.72 -11.98
N ILE B 73 -16.48 13.47 -11.56
CA ILE B 73 -16.99 13.35 -10.23
C ILE B 73 -17.64 12.02 -10.00
N THR B 74 -18.30 11.43 -11.01
CA THR B 74 -19.03 10.17 -10.80
C THR B 74 -18.02 9.07 -10.44
N PRO B 75 -16.99 8.92 -11.24
CA PRO B 75 -15.92 7.98 -10.82
C PRO B 75 -15.28 8.34 -9.45
N ALA B 76 -15.12 9.64 -9.16
CA ALA B 76 -14.52 10.07 -7.87
C ALA B 76 -15.32 9.56 -6.68
N ILE B 77 -16.65 9.58 -6.76
CA ILE B 77 -17.52 9.17 -5.64
C ILE B 77 -17.68 7.70 -5.53
N THR B 78 -17.71 6.99 -6.66
CA THR B 78 -17.86 5.57 -6.55
C THR B 78 -16.55 4.94 -6.03
N ARG B 79 -15.44 5.62 -6.19
CA ARG B 79 -14.22 5.22 -5.54
C ARG B 79 -14.29 5.27 -4.02
N VAL B 80 -14.79 6.39 -3.46
CA VAL B 80 -14.99 6.51 -2.05
C VAL B 80 -15.99 5.50 -1.61
N VAL B 81 -17.07 5.36 -2.36
CA VAL B 81 -18.12 4.35 -2.05
C VAL B 81 -17.53 2.93 -1.97
N ASP B 82 -16.72 2.59 -2.94
CA ASP B 82 -16.17 1.23 -3.01
C ASP B 82 -15.18 1.03 -1.88
N PHE B 83 -14.50 2.12 -1.52
CA PHE B 83 -13.52 2.05 -0.45
C PHE B 83 -14.27 1.62 0.80
N ALA B 84 -15.36 2.31 1.08
CA ALA B 84 -16.12 2.02 2.31
C ALA B 84 -16.74 0.63 2.28
N LYS B 85 -17.24 0.24 1.11
CA LYS B 85 -17.85 -1.09 0.91
C LYS B 85 -16.83 -2.22 0.97
N LYS B 86 -15.51 -1.97 0.98
CA LYS B 86 -14.55 -3.04 1.19
C LYS B 86 -14.11 -3.07 2.66
N LEU B 87 -14.84 -2.40 3.58
CA LEU B 87 -14.56 -2.54 5.00
C LEU B 87 -15.67 -3.33 5.65
N PRO B 88 -15.37 -4.55 6.14
CA PRO B 88 -16.47 -5.38 6.70
C PRO B 88 -17.16 -4.70 7.84
N MET B 89 -16.46 -3.95 8.69
CA MET B 89 -17.10 -3.08 9.73
C MET B 89 -18.19 -2.13 9.14
N PHE B 90 -17.95 -1.56 7.96
CA PHE B 90 -18.93 -0.67 7.33
C PHE B 90 -20.13 -1.45 6.80
N CYS B 91 -19.84 -2.59 6.17
CA CYS B 91 -20.89 -3.41 5.59
C CYS B 91 -21.69 -4.13 6.69
N GLU B 92 -21.28 -4.10 7.95
CA GLU B 92 -22.12 -4.78 8.94
C GLU B 92 -23.16 -3.75 9.47
N LEU B 93 -22.87 -2.45 9.52
CA LEU B 93 -23.90 -1.45 9.89
C LEU B 93 -25.17 -1.45 9.00
N PRO B 94 -26.29 -0.97 9.59
CA PRO B 94 -27.54 -0.84 8.84
C PRO B 94 -27.41 0.13 7.65
N CYS B 95 -28.17 -0.12 6.58
CA CYS B 95 -28.10 0.61 5.28
C CYS B 95 -28.12 2.12 5.44
N GLU B 96 -29.08 2.50 6.23
CA GLU B 96 -29.35 3.86 6.64
C GLU B 96 -28.08 4.58 7.17
N ASP B 97 -27.33 3.91 8.06
CA ASP B 97 -26.15 4.50 8.69
C ASP B 97 -25.02 4.62 7.64
N GLN B 98 -24.84 3.55 6.87
CA GLN B 98 -23.95 3.52 5.73
C GLN B 98 -24.14 4.76 4.83
N ILE B 99 -25.41 5.12 4.56
CA ILE B 99 -25.67 6.20 3.63
C ILE B 99 -25.24 7.51 4.30
N ILE B 100 -25.59 7.69 5.57
CA ILE B 100 -25.21 8.89 6.30
C ILE B 100 -23.70 9.03 6.48
N LEU B 101 -23.02 7.91 6.69
CA LEU B 101 -21.56 7.93 6.91
C LEU B 101 -20.86 8.36 5.64
N LEU B 102 -21.35 7.79 4.57
CA LEU B 102 -20.71 8.06 3.31
C LEU B 102 -20.97 9.49 2.85
N LYS B 103 -22.19 10.02 2.98
CA LYS B 103 -22.41 11.43 2.62
C LYS B 103 -21.61 12.42 3.51
N GLY B 104 -21.34 11.98 4.73
CA GLY B 104 -20.72 12.84 5.70
C GLY B 104 -19.25 12.95 5.28
N CYS B 105 -18.69 11.84 4.82
CA CYS B 105 -17.24 11.77 4.68
C CYS B 105 -16.77 11.86 3.23
N CYS B 106 -17.69 11.81 2.24
CA CYS B 106 -17.30 11.74 0.87
C CYS B 106 -16.25 12.77 0.53
N MET B 107 -16.57 14.04 0.72
CA MET B 107 -15.73 15.15 0.37
C MET B 107 -14.52 15.25 1.29
N GLU B 108 -14.66 14.76 2.54
CA GLU B 108 -13.49 14.71 3.36
C GLU B 108 -12.40 13.85 2.66
N ILE B 109 -12.79 12.66 2.18
CA ILE B 109 -11.83 11.68 1.69
C ILE B 109 -11.38 12.13 0.32
N MET B 110 -12.32 12.61 -0.48
CA MET B 110 -11.92 13.11 -1.79
C MET B 110 -10.87 14.18 -1.67
N SER B 111 -10.93 15.02 -0.63
CA SER B 111 -10.04 16.13 -0.50
C SER B 111 -8.67 15.68 0.01
N LEU B 112 -8.66 14.69 0.89
CA LEU B 112 -7.41 14.10 1.34
C LEU B 112 -6.67 13.49 0.12
N ARG B 113 -7.28 12.56 -0.61
CA ARG B 113 -6.69 12.01 -1.84
C ARG B 113 -6.21 13.08 -2.77
N ALA B 114 -7.00 14.14 -3.00
CA ALA B 114 -6.50 15.17 -3.94
C ALA B 114 -5.24 15.76 -3.32
N ALA B 115 -5.33 16.21 -2.08
CA ALA B 115 -4.20 16.81 -1.38
C ALA B 115 -2.93 15.99 -1.36
N VAL B 116 -2.99 14.68 -1.13
CA VAL B 116 -1.81 13.85 -1.12
C VAL B 116 -1.21 13.75 -2.53
N ARG B 117 -1.99 14.03 -3.58
CA ARG B 117 -1.40 14.13 -4.91
C ARG B 117 -1.00 15.54 -5.30
N TYR B 118 -0.62 16.32 -4.31
CA TYR B 118 -0.14 17.64 -4.64
C TYR B 118 1.27 17.55 -5.24
N ASP B 119 1.49 18.22 -6.38
CA ASP B 119 2.86 18.30 -6.97
C ASP B 119 3.48 19.72 -6.81
N PRO B 120 4.49 19.86 -5.96
CA PRO B 120 5.09 21.19 -5.69
C PRO B 120 5.80 21.83 -6.91
N GLU B 121 6.41 21.02 -7.79
CA GLU B 121 7.02 21.50 -9.07
C GLU B 121 6.04 22.23 -10.01
N SER B 122 4.85 21.65 -10.26
CA SER B 122 3.81 22.26 -11.13
C SER B 122 2.83 23.16 -10.35
N GLU B 123 2.71 22.90 -9.05
CA GLU B 123 1.78 23.59 -8.17
C GLU B 123 0.35 23.29 -8.64
N THR B 124 0.20 22.03 -9.09
CA THR B 124 -1.05 21.43 -9.49
C THR B 124 -1.42 20.30 -8.48
N LEU B 125 -2.71 20.02 -8.25
CA LEU B 125 -3.16 18.78 -7.55
C LEU B 125 -3.49 17.87 -8.71
N THR B 126 -3.38 16.58 -8.54
CA THR B 126 -3.83 15.71 -9.60
C THR B 126 -5.14 15.04 -9.21
N LEU B 127 -6.26 15.45 -9.79
CA LEU B 127 -7.55 14.86 -9.42
C LEU B 127 -7.85 13.49 -10.05
N ASN B 128 -8.24 12.56 -9.19
CA ASN B 128 -8.44 11.19 -9.58
C ASN B 128 -7.19 10.48 -10.10
N GLY B 129 -5.99 11.04 -9.86
CA GLY B 129 -4.78 10.60 -10.49
C GLY B 129 -4.76 10.84 -12.00
N GLU B 130 -5.59 11.74 -12.53
CA GLU B 130 -5.65 11.90 -13.99
C GLU B 130 -5.70 13.32 -14.49
N MET B 131 -6.32 14.24 -13.75
CA MET B 131 -6.50 15.62 -14.17
C MET B 131 -5.75 16.54 -13.23
N ALA B 132 -4.55 16.92 -13.63
CA ALA B 132 -3.78 17.87 -12.85
C ALA B 132 -4.42 19.21 -13.09
N VAL B 133 -4.68 20.00 -12.02
CA VAL B 133 -5.23 21.37 -12.15
C VAL B 133 -4.51 22.31 -11.23
N THR B 134 -4.66 23.63 -11.43
CA THR B 134 -4.05 24.57 -10.50
C THR B 134 -5.15 25.02 -9.53
N ARG B 135 -4.67 25.72 -8.52
CA ARG B 135 -5.50 26.43 -7.56
C ARG B 135 -6.62 27.25 -8.21
N GLY B 136 -6.27 28.06 -9.21
CA GLY B 136 -7.21 28.90 -9.90
C GLY B 136 -8.26 28.11 -10.67
N GLN B 137 -7.92 26.98 -11.25
CA GLN B 137 -8.93 26.29 -12.04
C GLN B 137 -9.97 25.64 -11.10
N LEU B 138 -9.45 25.04 -10.04
CA LEU B 138 -10.34 24.30 -9.15
C LEU B 138 -11.23 25.33 -8.45
N LYS B 139 -10.62 26.38 -7.91
CA LYS B 139 -11.28 27.61 -7.41
C LYS B 139 -12.36 28.09 -8.34
N ASN B 140 -11.99 28.58 -9.51
CA ASN B 140 -12.96 29.17 -10.45
C ASN B 140 -13.98 28.17 -11.00
N GLY B 141 -13.57 26.90 -11.11
CA GLY B 141 -14.48 25.83 -11.51
C GLY B 141 -15.54 25.42 -10.52
N GLY B 142 -15.63 26.08 -9.37
CA GLY B 142 -16.78 25.90 -8.50
C GLY B 142 -16.49 25.74 -7.01
N LEU B 143 -15.26 25.44 -6.63
CA LEU B 143 -14.94 25.12 -5.24
C LEU B 143 -14.68 26.38 -4.49
N GLY B 144 -14.38 27.47 -5.18
CA GLY B 144 -14.10 28.73 -4.48
C GLY B 144 -12.91 28.56 -3.57
N VAL B 145 -13.07 29.06 -2.34
CA VAL B 145 -12.06 29.04 -1.32
C VAL B 145 -11.67 27.60 -0.84
N VAL B 146 -12.56 26.62 -1.00
CA VAL B 146 -12.22 25.21 -0.78
C VAL B 146 -11.05 24.79 -1.64
N SER B 147 -10.89 25.30 -2.86
CA SER B 147 -9.68 24.99 -3.60
C SER B 147 -8.43 25.39 -2.78
N ASP B 148 -8.41 26.61 -2.24
CA ASP B 148 -7.31 27.07 -1.38
C ASP B 148 -6.99 26.19 -0.19
N ALA B 149 -8.06 25.67 0.38
CA ALA B 149 -7.95 24.84 1.54
C ALA B 149 -7.41 23.47 1.12
N ILE B 150 -7.80 22.93 -0.01
CA ILE B 150 -7.24 21.65 -0.45
C ILE B 150 -5.76 21.89 -0.81
N PHE B 151 -5.47 22.96 -1.55
CA PHE B 151 -4.07 23.21 -1.96
C PHE B 151 -3.14 23.35 -0.83
N ASP B 152 -3.55 24.10 0.19
CA ASP B 152 -2.74 24.34 1.39
C ASP B 152 -2.57 23.07 2.23
N LEU B 153 -3.63 22.27 2.34
CA LEU B 153 -3.50 20.96 2.93
C LEU B 153 -2.49 20.15 2.07
N GLY B 154 -2.52 20.34 0.76
CA GLY B 154 -1.64 19.64 -0.16
C GLY B 154 -0.20 20.05 0.13
N MET B 155 0.01 21.30 0.54
CA MET B 155 1.36 21.80 0.84
C MET B 155 1.80 21.30 2.20
N SER B 156 0.96 21.43 3.22
CA SER B 156 1.25 20.84 4.51
C SER B 156 1.65 19.34 4.48
N LEU B 157 0.88 18.53 3.78
CA LEU B 157 1.05 17.07 3.79
C LEU B 157 2.37 16.59 3.12
N SER B 158 2.94 17.43 2.28
CA SER B 158 4.15 17.11 1.53
C SER B 158 5.21 16.48 2.39
N SER B 159 5.42 17.12 3.52
CA SER B 159 6.51 16.71 4.37
C SER B 159 6.03 15.63 5.34
N PHE B 160 4.82 15.11 5.16
CA PHE B 160 4.29 14.05 6.04
C PHE B 160 4.60 12.66 5.45
N ASN B 161 4.77 12.65 4.12
CA ASN B 161 5.09 11.47 3.33
C ASN B 161 4.22 10.31 3.69
N LEU B 162 2.92 10.55 3.82
CA LEU B 162 2.03 9.44 4.22
C LEU B 162 2.18 8.34 3.19
N ASP B 163 2.08 7.09 3.62
CA ASP B 163 2.13 5.93 2.74
C ASP B 163 0.72 5.46 2.52
N ASP B 164 0.52 4.33 1.91
CA ASP B 164 -0.83 3.99 1.54
C ASP B 164 -1.66 3.63 2.75
N THR B 165 -1.02 2.96 3.70
CA THR B 165 -1.64 2.56 4.95
C THR B 165 -2.09 3.77 5.77
N GLU B 166 -1.33 4.85 5.77
CA GLU B 166 -1.61 6.01 6.61
C GLU B 166 -2.83 6.81 6.04
N VAL B 167 -2.85 6.97 4.73
CA VAL B 167 -3.94 7.58 4.02
C VAL B 167 -5.15 6.71 4.17
N ALA B 168 -4.96 5.40 3.94
CA ALA B 168 -6.08 4.44 4.17
C ALA B 168 -6.69 4.62 5.58
N LEU B 169 -5.85 4.63 6.57
CA LEU B 169 -6.32 4.70 7.97
C LEU B 169 -7.01 6.01 8.27
N LEU B 170 -6.40 7.11 7.86
CA LEU B 170 -7.06 8.42 7.86
C LEU B 170 -8.42 8.30 7.23
N GLN B 171 -8.52 7.78 6.01
CA GLN B 171 -9.83 7.68 5.38
C GLN B 171 -10.83 6.86 6.20
N ALA B 172 -10.37 5.90 6.97
CA ALA B 172 -11.24 5.07 7.73
C ALA B 172 -11.71 5.87 8.98
N VAL B 173 -10.83 6.70 9.51
CA VAL B 173 -11.20 7.58 10.60
C VAL B 173 -12.31 8.57 10.21
N LEU B 174 -12.21 9.17 9.01
CA LEU B 174 -13.21 10.08 8.52
C LEU B 174 -14.56 9.36 8.31
N LEU B 175 -14.46 8.17 7.79
CA LEU B 175 -15.64 7.37 7.55
C LEU B 175 -16.47 7.03 8.82
N MET B 176 -15.80 6.54 9.84
CA MET B 176 -16.38 6.07 11.07
C MET B 176 -16.50 7.22 12.11
N SER B 177 -17.14 8.32 11.70
CA SER B 177 -17.33 9.53 12.51
C SER B 177 -18.73 9.44 13.09
N SER B 178 -18.82 9.26 14.39
CA SER B 178 -20.04 8.89 15.05
C SER B 178 -20.95 10.05 15.33
N ASP B 179 -20.56 11.24 14.93
CA ASP B 179 -21.33 12.45 15.16
C ASP B 179 -22.11 12.86 13.88
N ARG B 180 -22.07 12.13 12.76
CA ARG B 180 -23.00 12.54 11.68
C ARG B 180 -24.46 12.54 12.17
N PRO B 181 -25.25 13.52 11.77
CA PRO B 181 -26.64 13.59 12.25
C PRO B 181 -27.50 12.42 11.81
N GLY B 182 -28.34 11.87 12.68
CA GLY B 182 -29.21 10.77 12.27
C GLY B 182 -28.69 9.35 12.42
N LEU B 183 -27.41 9.19 12.81
CA LEU B 183 -26.85 7.84 12.89
C LEU B 183 -27.61 7.00 13.92
N ALA B 184 -28.09 5.83 13.51
CA ALA B 184 -28.67 4.85 14.43
C ALA B 184 -27.59 4.25 15.37
N CYS B 185 -26.50 3.72 14.84
CA CYS B 185 -25.54 3.05 15.75
C CYS B 185 -24.38 3.89 16.19
N VAL B 186 -24.62 4.90 17.02
CA VAL B 186 -23.57 5.85 17.44
C VAL B 186 -22.36 5.12 18.09
N GLU B 187 -22.59 4.25 19.07
CA GLU B 187 -21.54 3.65 19.90
C GLU B 187 -20.73 2.60 19.20
N ARG B 188 -21.33 1.91 18.26
CA ARG B 188 -20.64 0.89 17.51
C ARG B 188 -19.73 1.56 16.43
N ILE B 189 -20.11 2.73 15.96
CA ILE B 189 -19.31 3.49 14.99
C ILE B 189 -18.15 4.13 15.69
N GLU B 190 -18.39 4.72 16.87
CA GLU B 190 -17.29 5.21 17.72
C GLU B 190 -16.28 4.05 18.02
N LYS B 191 -16.77 2.85 18.25
CA LYS B 191 -15.88 1.75 18.70
C LYS B 191 -14.97 1.31 17.56
N TYR B 192 -15.55 1.14 16.36
CA TYR B 192 -14.74 1.02 15.10
C TYR B 192 -13.75 2.16 14.85
N GLN B 193 -14.18 3.37 15.09
CA GLN B 193 -13.32 4.50 14.88
C GLN B 193 -12.12 4.41 15.86
N ASP B 194 -12.38 3.96 17.08
CA ASP B 194 -11.32 3.73 18.08
C ASP B 194 -10.39 2.55 17.71
N SER B 195 -10.93 1.46 17.18
CA SER B 195 -10.08 0.39 16.62
C SER B 195 -9.16 0.97 15.55
N PHE B 196 -9.69 1.80 14.68
CA PHE B 196 -8.85 2.35 13.64
C PHE B 196 -7.90 3.34 14.19
N LEU B 197 -8.25 4.08 15.22
CA LEU B 197 -7.38 5.10 15.71
C LEU B 197 -6.19 4.43 16.43
N LEU B 198 -6.44 3.33 17.15
CA LEU B 198 -5.41 2.69 17.94
C LEU B 198 -4.40 2.02 16.99
N ALA B 199 -4.85 1.33 15.96
CA ALA B 199 -3.92 0.79 14.94
C ALA B 199 -3.08 1.86 14.22
N PHE B 200 -3.68 3.01 13.96
CA PHE B 200 -3.02 4.08 13.27
C PHE B 200 -1.87 4.65 14.13
N GLU B 201 -2.15 4.89 15.40
CA GLU B 201 -1.13 5.44 16.27
C GLU B 201 -0.01 4.43 16.37
N HIS B 202 -0.37 3.18 16.65
CA HIS B 202 0.65 2.15 16.77
C HIS B 202 1.50 2.01 15.53
N TYR B 203 0.88 2.13 14.35
CA TYR B 203 1.63 2.08 13.10
C TYR B 203 2.62 3.26 12.93
N ILE B 204 2.23 4.40 13.44
CA ILE B 204 2.92 5.65 13.23
C ILE B 204 4.16 5.71 14.14
N ASN B 205 3.99 5.07 15.31
CA ASN B 205 5.01 4.89 16.33
C ASN B 205 6.21 4.12 15.87
N TYR B 206 5.98 3.22 14.93
CA TYR B 206 7.04 2.39 14.37
C TYR B 206 7.52 2.94 13.03
N ARG B 207 6.91 3.99 12.50
CA ARG B 207 7.24 4.52 11.14
C ARG B 207 8.23 5.68 11.30
N LYS B 208 8.18 6.26 12.48
CA LYS B 208 8.99 7.42 12.89
C LYS B 208 9.26 8.42 11.75
N HIS B 209 8.31 9.33 11.53
CA HIS B 209 8.45 10.40 10.55
C HIS B 209 9.23 11.53 11.19
N HIS B 210 9.98 12.26 10.40
CA HIS B 210 10.79 13.33 10.96
C HIS B 210 10.10 14.68 10.96
N VAL B 211 8.84 14.73 11.38
CA VAL B 211 8.25 15.98 11.84
C VAL B 211 7.99 15.94 13.35
N THR B 212 8.21 17.10 14.00
CA THR B 212 8.02 17.23 15.46
C THR B 212 6.55 17.11 15.70
N HIS B 213 6.16 16.36 16.74
CA HIS B 213 4.76 16.24 17.09
C HIS B 213 3.95 15.73 15.90
N PHE B 214 4.45 14.67 15.29
CA PHE B 214 3.80 14.09 14.15
C PHE B 214 2.34 13.69 14.38
N TRP B 215 2.08 13.00 15.46
CA TRP B 215 0.71 12.50 15.66
C TRP B 215 -0.33 13.60 15.99
N PRO B 216 -0.02 14.55 16.89
CA PRO B 216 -0.93 15.69 17.12
C PRO B 216 -1.27 16.40 15.80
N LYS B 217 -0.23 16.68 15.02
CA LYS B 217 -0.35 17.36 13.74
C LYS B 217 -1.15 16.63 12.69
N LEU B 218 -1.01 15.31 12.61
CA LEU B 218 -1.81 14.51 11.69
C LEU B 218 -3.25 14.50 12.12
N LEU B 219 -3.51 14.22 13.40
CA LEU B 219 -4.91 14.22 13.89
C LEU B 219 -5.60 15.54 13.58
N MET B 220 -4.87 16.65 13.71
CA MET B 220 -5.43 17.98 13.37
C MET B 220 -5.85 18.07 11.86
N LYS B 221 -5.23 17.23 11.04
CA LYS B 221 -5.55 17.24 9.62
C LYS B 221 -6.99 16.81 9.42
N VAL B 222 -7.44 15.87 10.21
CA VAL B 222 -8.84 15.43 10.31
C VAL B 222 -9.83 16.60 10.56
N THR B 223 -9.45 17.47 11.48
CA THR B 223 -10.28 18.64 11.74
C THR B 223 -10.27 19.63 10.54
N ASP B 224 -9.13 19.78 9.89
CA ASP B 224 -9.09 20.55 8.66
C ASP B 224 -9.95 19.99 7.54
N LEU B 225 -9.83 18.71 7.30
CA LEU B 225 -10.71 17.98 6.39
C LEU B 225 -12.21 18.10 6.69
N ARG B 226 -12.58 18.02 7.97
CA ARG B 226 -13.99 18.09 8.32
C ARG B 226 -14.56 19.45 7.99
N MET B 227 -13.73 20.44 8.10
CA MET B 227 -14.10 21.76 7.67
C MET B 227 -14.21 21.93 6.21
N ILE B 228 -13.31 21.35 5.40
CA ILE B 228 -13.45 21.36 3.95
C ILE B 228 -14.74 20.84 3.53
N GLY B 229 -15.16 19.71 4.09
CA GLY B 229 -16.42 19.09 3.75
C GLY B 229 -17.60 20.01 4.11
N ALA B 230 -17.52 20.64 5.26
CA ALA B 230 -18.55 21.63 5.68
C ALA B 230 -18.62 22.83 4.73
N CYS B 231 -17.47 23.42 4.47
CA CYS B 231 -17.35 24.50 3.55
C CYS B 231 -17.87 24.08 2.18
N HIS B 232 -17.48 22.88 1.71
CA HIS B 232 -17.97 22.36 0.43
C HIS B 232 -19.48 22.25 0.39
N ALA B 233 -20.14 21.79 1.48
CA ALA B 233 -21.60 21.61 1.47
C ALA B 233 -22.26 22.94 1.18
N SER B 234 -21.58 24.03 1.53
CA SER B 234 -22.03 25.38 1.31
C SER B 234 -21.63 25.91 -0.08
N ARG B 235 -20.49 25.47 -0.62
CA ARG B 235 -20.13 25.78 -1.99
C ARG B 235 -21.08 25.15 -2.95
N PHE B 236 -21.50 23.93 -2.66
CA PHE B 236 -22.46 23.17 -3.47
C PHE B 236 -23.75 23.91 -3.70
N LEU B 237 -24.31 24.56 -2.67
CA LEU B 237 -25.54 25.33 -2.88
C LEU B 237 -25.26 26.51 -3.83
N HIS B 238 -24.11 27.16 -3.76
CA HIS B 238 -23.75 28.25 -4.70
C HIS B 238 -23.73 27.63 -6.09
N MET B 239 -23.08 26.46 -6.22
CA MET B 239 -22.95 25.75 -7.51
C MET B 239 -24.35 25.48 -8.06
N LYS B 240 -25.26 25.01 -7.23
CA LYS B 240 -26.64 24.70 -7.67
C LYS B 240 -27.33 25.99 -8.20
N VAL B 241 -26.95 27.13 -7.66
CA VAL B 241 -27.60 28.37 -8.06
C VAL B 241 -27.12 28.77 -9.46
N GLU B 242 -25.85 28.51 -9.73
CA GLU B 242 -25.12 29.20 -10.80
C GLU B 242 -24.85 28.34 -12.01
N CYS B 243 -25.07 27.03 -11.94
CA CYS B 243 -24.83 26.16 -13.08
C CYS B 243 -26.08 25.38 -13.40
N PRO B 244 -26.43 25.22 -14.67
CA PRO B 244 -27.59 24.39 -15.06
C PRO B 244 -27.66 23.02 -14.40
N THR B 245 -28.84 22.64 -13.92
CA THR B 245 -29.05 21.40 -13.19
C THR B 245 -28.71 20.11 -14.00
N GLU B 246 -28.67 20.30 -15.33
CA GLU B 246 -28.39 19.24 -16.30
C GLU B 246 -26.92 18.78 -16.21
N LEU B 247 -25.97 19.70 -16.00
CA LEU B 247 -24.55 19.39 -15.72
C LEU B 247 -24.23 18.62 -14.41
N PHE B 248 -25.24 18.19 -13.62
CA PHE B 248 -25.04 17.61 -12.28
C PHE B 248 -25.29 16.11 -12.32
N PRO B 249 -24.24 15.28 -12.43
CA PRO B 249 -24.46 13.83 -12.52
C PRO B 249 -25.27 13.34 -11.33
N PRO B 250 -26.19 12.42 -11.55
CA PRO B 250 -27.11 11.95 -10.53
C PRO B 250 -26.45 11.36 -9.27
N LEU B 251 -25.24 10.80 -9.32
CA LEU B 251 -24.48 10.45 -8.12
C LEU B 251 -23.97 11.67 -7.34
N PHE B 252 -23.60 12.75 -7.99
CA PHE B 252 -23.15 13.97 -7.32
C PHE B 252 -24.28 14.52 -6.41
N LEU B 253 -25.46 14.59 -7.04
CA LEU B 253 -26.69 14.95 -6.43
C LEU B 253 -27.07 14.01 -5.35
N GLU B 254 -26.91 12.72 -5.60
CA GLU B 254 -27.28 11.72 -4.58
C GLU B 254 -26.38 11.87 -3.32
N VAL B 255 -25.09 12.15 -3.46
CA VAL B 255 -24.26 12.26 -2.24
C VAL B 255 -24.38 13.65 -1.58
N PHE B 256 -24.58 14.69 -2.36
CA PHE B 256 -24.41 16.03 -1.79
C PHE B 256 -25.69 16.81 -1.53
N GLU B 257 -26.83 16.27 -1.95
CA GLU B 257 -28.07 17.06 -2.05
C GLU B 257 -29.09 16.66 -0.96
N ASP B 258 -29.73 17.73 -0.41
CA ASP B 258 -31.04 17.67 0.31
C ASP B 258 -32.03 18.71 -0.30
O9 PFA C . 12.99 -18.58 0.49
C14 PFA C . 13.83 -17.79 0.19
N6 PFA C . 14.47 -17.70 -1.01
C10 PFA C . 15.41 -16.74 -1.26
O8 PFA C . 16.01 -16.63 -2.31
N5 PFA C . 14.11 -16.90 1.13
N3 PFA C . 15.06 -15.87 0.91
C17 PFA C . 15.67 -15.75 -0.21
C4 PFA C . 13.63 -16.87 2.47
C5 PFA C . 14.66 -17.17 3.45
C6 PFA C . 14.30 -17.20 4.81
C7 PFA C . 15.26 -17.50 5.87
C3 PFA C . 12.33 -16.63 2.88
C2 PFA C . 11.98 -16.57 4.24
C19 PFA C . 10.52 -16.30 4.66
C1 PFA C . 12.96 -16.89 5.21
O20 PFA C . 12.52 -16.91 6.52
C21 PFA C . 12.84 -15.86 7.35
C31 PFA C . 12.84 -14.49 6.90
C22 PFA C . 13.17 -16.21 8.71
C24 PFA C . 13.51 -15.19 9.64
C25 PFA C . 13.92 -15.55 11.08
C8 PFA C . 12.89 -16.58 11.63
C9 PFA C . 15.36 -16.12 10.98
C26 PFA C . 13.55 -13.86 9.17
C29 PFA C . 13.18 -13.51 7.84
O27 PFA C . 13.90 -12.83 10.02
O9 PFA D . -9.01 13.28 -6.21
C14 PFA D . -9.83 12.43 -5.94
N6 PFA D . -9.54 11.10 -5.78
C10 PFA D . -10.52 10.23 -5.51
O8 PFA D . -10.35 9.03 -5.38
N5 PFA D . -11.09 12.79 -5.75
N3 PFA D . -12.17 11.92 -5.45
C17 PFA D . -11.89 10.72 -5.33
C4 PFA D . -11.47 14.11 -5.95
C5 PFA D . -12.21 14.28 -7.14
C6 PFA D . -12.60 15.60 -7.50
C7 PFA D . -13.39 15.81 -8.77
C3 PFA D . -11.12 15.23 -5.10
C2 PFA D . -11.53 16.56 -5.46
C19 PFA D . -11.18 17.71 -4.53
C1 PFA D . -12.30 16.73 -6.67
O20 PFA D . -12.77 18.01 -7.06
C21 PFA D . -14.08 18.36 -6.74
C31 PFA D . -14.69 17.96 -5.49
C22 PFA D . -14.84 19.15 -7.64
C24 PFA D . -16.16 19.56 -7.33
C25 PFA D . -17.00 20.44 -8.30
C8 PFA D . -16.23 21.65 -8.85
C9 PFA D . -17.45 19.68 -9.55
C26 PFA D . -16.73 19.15 -6.11
C29 PFA D . -16.01 18.34 -5.22
O27 PFA D . -18.01 19.52 -5.75
#